data_7Y16
#
_entry.id   7Y16
#
_cell.length_a   51.495
_cell.length_b   58.975
_cell.length_c   158.688
_cell.angle_alpha   90.000
_cell.angle_beta   90.000
_cell.angle_gamma   90.000
#
_symmetry.space_group_name_H-M   'P 21 21 21'
#
loop_
_entity.id
_entity.type
_entity.pdbx_description
1 polymer 'LAS1 protein'
2 water water
#
_entity_poly.entity_id   1
_entity_poly.type   'polypeptide(L)'
_entity_poly.pdbx_seq_one_letter_code
;MPWKSSDEVVYLKGLFFPADREQISRDELYRQYEEAISLVEMYSSRTRVSHILQSTAHLFSALMMLESFEGGLDDTVRLT
ASMTIIRFVNGLLDPNQQSQFAIPLHLLAKKIDLPSLFVEFRHSATHDALPSLEMCKTCVDRAIDWVWDHYWDGVLSI
;
_entity_poly.pdbx_strand_id   A,B,C
#
# COMPACT_ATOMS: atom_id res chain seq x y z
N TRP A 3 8.95 11.56 -25.23
CA TRP A 3 7.68 11.54 -24.52
C TRP A 3 6.95 12.88 -24.65
N LYS A 4 7.71 13.97 -24.51
CA LYS A 4 7.15 15.33 -24.44
C LYS A 4 6.36 15.73 -25.69
N SER A 5 6.37 14.91 -26.74
CA SER A 5 5.62 15.21 -27.95
C SER A 5 4.35 14.38 -28.09
N SER A 6 4.23 13.27 -27.36
CA SER A 6 3.11 12.34 -27.56
C SER A 6 1.78 13.04 -27.33
N ASP A 7 0.76 12.57 -28.04
CA ASP A 7 -0.57 13.12 -27.86
C ASP A 7 -1.11 12.83 -26.47
N GLU A 8 -0.63 11.76 -25.87
CA GLU A 8 -1.04 11.42 -24.52
C GLU A 8 -0.54 12.44 -23.48
N VAL A 9 0.73 12.79 -23.51
CA VAL A 9 1.22 13.75 -22.52
C VAL A 9 0.75 15.15 -22.86
N VAL A 10 0.59 15.49 -24.15
CA VAL A 10 0.04 16.79 -24.50
C VAL A 10 -1.40 16.91 -24.00
N TYR A 11 -2.18 15.82 -24.07
CA TYR A 11 -3.53 15.85 -23.51
C TYR A 11 -3.51 15.99 -21.99
N LEU A 12 -2.60 15.28 -21.31
CA LEU A 12 -2.48 15.44 -19.87
C LEU A 12 -2.12 16.87 -19.48
N LYS A 13 -1.22 17.51 -20.25
CA LYS A 13 -0.82 18.86 -19.90
C LYS A 13 -2.03 19.79 -19.84
N GLY A 14 -2.96 19.63 -20.78
CA GLY A 14 -4.17 20.44 -20.81
C GLY A 14 -5.14 20.17 -19.69
N LEU A 15 -5.10 18.96 -19.10
CA LEU A 15 -5.91 18.67 -17.92
C LEU A 15 -5.29 19.26 -16.66
N PHE A 16 -3.98 19.07 -16.47
CA PHE A 16 -3.29 19.57 -15.29
C PHE A 16 -3.10 21.07 -15.32
N PHE A 17 -2.88 21.65 -16.49
CA PHE A 17 -2.58 23.08 -16.63
C PHE A 17 -3.46 23.73 -17.69
N PRO A 18 -4.78 23.79 -17.45
CA PRO A 18 -5.66 24.39 -18.47
C PRO A 18 -5.33 25.86 -18.68
N ALA A 19 -5.32 26.24 -19.95
CA ALA A 19 -5.26 27.62 -20.43
C ALA A 19 -6.49 28.30 -19.93
N ASP A 20 -7.55 27.54 -19.85
CA ASP A 20 -8.86 28.02 -19.51
C ASP A 20 -9.00 28.47 -18.07
N ARG A 21 -8.02 28.21 -17.22
CA ARG A 21 -8.26 27.91 -15.82
C ARG A 21 -9.05 28.89 -14.96
N GLU A 22 -8.79 30.19 -15.05
CA GLU A 22 -9.50 31.13 -14.16
C GLU A 22 -11.00 31.10 -14.43
N GLN A 23 -11.35 30.94 -15.70
CA GLN A 23 -12.70 30.81 -16.14
C GLN A 23 -13.44 29.59 -15.64
N ILE A 24 -12.75 28.45 -15.64
CA ILE A 24 -13.40 27.18 -15.36
C ILE A 24 -13.82 27.02 -13.90
N SER A 25 -14.97 26.40 -13.68
CA SER A 25 -15.41 26.12 -12.33
C SER A 25 -14.54 25.07 -11.68
N ARG A 26 -14.50 25.18 -10.39
CA ARG A 26 -13.60 24.35 -9.58
C ARG A 26 -14.05 22.90 -9.60
N ASP A 27 -15.35 22.65 -9.74
CA ASP A 27 -15.83 21.30 -9.99
C ASP A 27 -15.23 20.73 -11.27
N GLU A 28 -15.33 21.48 -12.32
CA GLU A 28 -14.79 21.07 -13.58
C GLU A 28 -13.28 20.92 -13.54
N LEU A 29 -12.64 21.87 -12.91
CA LEU A 29 -11.19 21.84 -12.70
C LEU A 29 -10.77 20.53 -12.03
N TYR A 30 -11.38 20.22 -10.88
CA TYR A 30 -11.05 19.02 -10.13
C TYR A 30 -11.36 17.75 -10.92
N ARG A 31 -12.48 17.76 -11.64
CA ARG A 31 -12.81 16.60 -12.47
C ARG A 31 -11.74 16.37 -13.53
N GLN A 32 -11.21 17.45 -14.12
CA GLN A 32 -10.11 17.29 -15.09
C GLN A 32 -8.85 16.76 -14.41
N TYR A 33 -8.53 17.29 -13.23
CA TYR A 33 -7.39 16.77 -12.46
C TYR A 33 -7.57 15.29 -12.20
N GLU A 34 -8.75 14.91 -11.75
CA GLU A 34 -9.01 13.53 -11.45
C GLU A 34 -8.90 12.61 -12.65
N GLU A 35 -9.39 13.06 -13.78
CA GLU A 35 -9.21 12.30 -15.02
C GLU A 35 -7.73 12.10 -15.32
N ALA A 36 -6.93 13.17 -15.21
CA ALA A 36 -5.52 13.04 -15.52
C ALA A 36 -4.83 12.08 -14.54
N ILE A 37 -5.19 12.13 -13.26
CA ILE A 37 -4.64 11.20 -12.28
C ILE A 37 -4.94 9.74 -12.64
N SER A 38 -6.19 9.46 -13.05
CA SER A 38 -6.52 8.09 -13.47
C SER A 38 -5.71 7.67 -14.70
N LEU A 39 -5.48 8.58 -15.62
CA LEU A 39 -4.75 8.32 -16.82
C LEU A 39 -3.27 8.02 -16.60
N VAL A 40 -2.69 8.71 -15.62
CA VAL A 40 -1.30 8.50 -15.31
C VAL A 40 -1.02 7.06 -14.87
N GLU A 41 -1.93 6.44 -14.14
CA GLU A 41 -1.78 5.10 -13.64
C GLU A 41 -1.53 4.21 -14.87
N MET A 42 -2.03 4.63 -16.01
CA MET A 42 -1.82 3.97 -17.31
C MET A 42 -0.38 3.96 -17.87
N TYR A 43 0.34 5.06 -17.68
CA TYR A 43 1.76 5.26 -18.07
C TYR A 43 2.71 5.14 -16.87
N SER A 44 3.28 3.94 -16.63
CA SER A 44 4.04 3.61 -15.42
C SER A 44 5.55 3.23 -15.51
N SER A 45 6.34 3.81 -16.41
CA SER A 45 7.72 3.34 -16.61
C SER A 45 8.70 3.61 -15.46
N ARG A 46 9.83 2.94 -15.50
CA ARG A 46 11.01 3.34 -14.76
C ARG A 46 11.79 4.32 -15.64
N THR A 47 11.21 5.47 -15.88
CA THR A 47 11.82 6.49 -16.69
C THR A 47 11.67 7.77 -15.89
N ARG A 48 12.52 8.74 -16.14
CA ARG A 48 12.42 9.97 -15.45
C ARG A 48 11.05 10.55 -15.74
N VAL A 49 10.58 10.42 -16.98
CA VAL A 49 9.31 11.03 -17.35
C VAL A 49 8.19 10.43 -16.50
N SER A 50 8.24 9.12 -16.34
CA SER A 50 7.21 8.46 -15.54
C SER A 50 7.20 9.00 -14.11
N HIS A 51 8.38 9.22 -13.53
CA HIS A 51 8.39 9.75 -12.17
C HIS A 51 7.77 11.15 -12.15
N ILE A 52 8.05 11.96 -13.17
CA ILE A 52 7.41 13.27 -13.25
C ILE A 52 5.90 13.14 -13.38
N LEU A 53 5.42 12.23 -14.24
CA LEU A 53 3.97 12.09 -14.38
C LEU A 53 3.33 11.62 -13.07
N GLN A 54 3.93 10.63 -12.43
CA GLN A 54 3.36 10.14 -11.18
C GLN A 54 3.47 11.19 -10.09
N SER A 55 4.58 11.92 -10.02
CA SER A 55 4.67 13.01 -9.06
C SER A 55 3.61 14.06 -9.33
N THR A 56 3.41 14.44 -10.60
CA THR A 56 2.38 15.43 -10.90
C THR A 56 1.01 14.97 -10.42
N ALA A 57 0.68 13.70 -10.71
CA ALA A 57 -0.61 13.17 -10.28
C ALA A 57 -0.78 13.33 -8.76
N HIS A 58 0.21 12.90 -7.98
CA HIS A 58 0.05 13.00 -6.53
C HIS A 58 0.14 14.44 -6.01
N LEU A 59 0.90 15.31 -6.69
CA LEU A 59 0.90 16.73 -6.30
C LEU A 59 -0.49 17.35 -6.45
N PHE A 60 -1.18 17.05 -7.55
CA PHE A 60 -2.54 17.54 -7.70
C PHE A 60 -3.51 16.82 -6.79
N SER A 61 -3.26 15.54 -6.46
CA SER A 61 -4.06 14.90 -5.41
C SER A 61 -3.94 15.68 -4.10
N ALA A 62 -2.72 16.03 -3.72
CA ALA A 62 -2.52 16.79 -2.49
C ALA A 62 -3.10 18.21 -2.60
N LEU A 63 -2.94 18.86 -3.76
CA LEU A 63 -3.46 20.22 -3.94
C LEU A 63 -4.97 20.28 -3.69
N MET A 64 -5.72 19.37 -4.29
CA MET A 64 -7.17 19.35 -4.07
C MET A 64 -7.48 19.11 -2.60
N MET A 65 -6.73 18.23 -1.95
CA MET A 65 -7.03 17.98 -0.54
C MET A 65 -6.71 19.20 0.31
N LEU A 66 -5.60 19.89 0.00
CA LEU A 66 -5.21 21.11 0.71
C LEU A 66 -6.22 22.24 0.50
N GLU A 67 -6.64 22.46 -0.74
CA GLU A 67 -7.59 23.51 -1.05
C GLU A 67 -8.98 23.21 -0.52
N SER A 68 -9.32 21.94 -0.34
CA SER A 68 -10.64 21.57 0.18
C SER A 68 -10.70 21.55 1.70
N PHE A 69 -9.58 21.74 2.38
CA PHE A 69 -9.55 21.62 3.83
C PHE A 69 -10.41 22.69 4.48
N GLU A 70 -11.43 22.28 5.23
CA GLU A 70 -12.41 23.20 5.78
C GLU A 70 -12.22 23.47 7.28
N GLY A 71 -11.17 22.95 7.88
CA GLY A 71 -10.96 23.07 9.31
C GLY A 71 -10.98 21.71 9.98
N GLY A 72 -10.87 21.74 11.30
CA GLY A 72 -10.74 20.50 12.03
C GLY A 72 -9.30 20.01 12.00
N LEU A 73 -9.12 18.73 12.24
CA LEU A 73 -7.80 18.21 12.33
C LEU A 73 -7.08 18.26 10.99
N ASP A 74 -5.91 18.84 10.97
CA ASP A 74 -5.16 19.02 9.74
C ASP A 74 -4.15 17.91 9.40
N ASP A 75 -4.10 16.89 10.23
CA ASP A 75 -3.08 15.89 10.10
C ASP A 75 -3.11 15.09 8.83
N THR A 76 -4.28 14.59 8.44
CA THR A 76 -4.31 13.77 7.23
C THR A 76 -3.90 14.58 6.00
N VAL A 77 -4.25 15.87 5.93
CA VAL A 77 -3.85 16.57 4.72
C VAL A 77 -2.36 16.85 4.75
N ARG A 78 -1.80 17.12 5.93
CA ARG A 78 -0.36 17.30 6.01
C ARG A 78 0.38 16.00 5.78
N LEU A 79 -0.17 14.88 6.25
CA LEU A 79 0.49 13.59 5.98
C LEU A 79 0.46 13.28 4.49
N THR A 80 -0.66 13.55 3.82
CA THR A 80 -0.76 13.34 2.38
C THR A 80 0.24 14.20 1.62
N ALA A 81 0.29 15.50 1.94
CA ALA A 81 1.18 16.40 1.22
C ALA A 81 2.63 16.06 1.50
N SER A 82 2.95 15.67 2.74
CA SER A 82 4.33 15.35 3.07
C SER A 82 4.80 14.11 2.33
N MET A 83 3.94 13.09 2.23
CA MET A 83 4.34 11.88 1.51
C MET A 83 4.60 12.19 0.04
N THR A 84 3.75 13.03 -0.54
CA THR A 84 3.91 13.44 -1.93
C THR A 84 5.24 14.12 -2.18
N ILE A 85 5.63 15.06 -1.31
CA ILE A 85 6.88 15.79 -1.50
C ILE A 85 8.07 14.86 -1.35
N ILE A 86 8.05 13.98 -0.34
CA ILE A 86 9.14 13.02 -0.16
C ILE A 86 9.35 12.18 -1.41
N ARG A 87 8.26 11.63 -1.95
CA ARG A 87 8.39 10.73 -3.09
C ARG A 87 8.84 11.51 -4.33
N PHE A 88 8.36 12.76 -4.47
CA PHE A 88 8.79 13.65 -5.55
C PHE A 88 10.29 13.87 -5.50
N VAL A 89 10.81 14.27 -4.34
CA VAL A 89 12.24 14.49 -4.18
C VAL A 89 13.00 13.18 -4.40
N ASN A 90 12.54 12.09 -3.77
CA ASN A 90 13.29 10.84 -3.80
C ASN A 90 13.44 10.29 -5.22
N GLY A 91 12.37 10.35 -6.02
CA GLY A 91 12.50 9.88 -7.39
C GLY A 91 13.44 10.70 -8.24
N LEU A 92 13.76 11.93 -7.81
CA LEU A 92 14.73 12.74 -8.52
C LEU A 92 16.14 12.55 -7.96
N LEU A 93 16.24 12.39 -6.67
CA LEU A 93 17.53 12.25 -6.04
C LEU A 93 18.05 10.82 -5.71
N ASP A 94 17.17 9.83 -5.67
CA ASP A 94 17.55 8.50 -5.15
C ASP A 94 18.61 7.84 -6.00
N PRO A 95 18.43 8.07 -7.37
CA PRO A 95 19.38 7.30 -8.19
C PRO A 95 20.84 7.58 -7.80
N ASN A 96 21.26 8.82 -7.64
CA ASN A 96 22.55 9.06 -7.06
C ASN A 96 22.69 8.74 -5.58
N GLN A 97 21.76 9.20 -4.77
CA GLN A 97 21.94 9.06 -3.32
C GLN A 97 22.02 7.59 -2.86
N GLN A 98 21.31 6.70 -3.55
CA GLN A 98 21.26 5.30 -3.22
C GLN A 98 22.42 4.50 -3.83
N SER A 99 23.21 5.17 -4.67
CA SER A 99 24.28 4.57 -5.43
C SER A 99 25.52 4.31 -4.58
N GLN A 100 26.50 3.67 -5.21
CA GLN A 100 27.85 3.54 -4.67
C GLN A 100 28.66 4.82 -4.61
N PHE A 101 28.25 5.81 -5.37
CA PHE A 101 29.02 7.05 -5.45
C PHE A 101 28.12 8.24 -5.22
N ALA A 102 27.56 8.27 -4.01
CA ALA A 102 26.66 9.31 -3.60
C ALA A 102 27.37 10.59 -3.28
N ILE A 103 26.70 11.72 -3.51
CA ILE A 103 27.24 13.04 -3.28
C ILE A 103 26.27 13.73 -2.31
N PRO A 104 26.66 14.81 -1.65
CA PRO A 104 25.75 15.48 -0.69
C PRO A 104 24.52 15.99 -1.41
N LEU A 105 23.36 15.78 -0.79
CA LEU A 105 22.08 16.01 -1.42
C LEU A 105 21.96 17.45 -1.86
N HIS A 106 22.54 18.37 -1.12
CA HIS A 106 22.49 19.78 -1.48
C HIS A 106 23.21 20.02 -2.80
N LEU A 107 24.37 19.39 -2.99
CA LEU A 107 25.04 19.46 -4.29
C LEU A 107 24.22 18.77 -5.38
N LEU A 108 23.58 17.64 -5.04
CA LEU A 108 22.79 16.91 -6.01
C LEU A 108 21.52 17.66 -6.39
N ALA A 109 20.91 18.37 -5.44
CA ALA A 109 19.75 19.19 -5.78
C ALA A 109 20.16 20.41 -6.60
N LYS A 110 21.27 21.03 -6.24
CA LYS A 110 21.73 22.20 -7.00
C LYS A 110 21.87 21.86 -8.47
N LYS A 111 22.24 20.60 -8.72
CA LYS A 111 22.51 19.98 -10.03
C LYS A 111 21.36 19.80 -11.03
N ILE A 112 20.17 19.44 -10.55
CA ILE A 112 18.95 19.39 -11.32
C ILE A 112 18.08 20.62 -11.05
N ASP A 113 18.66 21.66 -10.45
CA ASP A 113 17.97 22.92 -10.17
C ASP A 113 16.75 22.69 -9.28
N LEU A 114 16.93 21.87 -8.25
CA LEU A 114 15.87 21.63 -7.28
C LEU A 114 16.13 22.49 -6.06
N PRO A 115 15.26 23.45 -5.76
CA PRO A 115 15.45 24.30 -4.59
C PRO A 115 15.71 23.50 -3.31
N SER A 116 16.59 24.03 -2.47
CA SER A 116 16.94 23.37 -1.22
C SER A 116 15.76 23.24 -0.27
N LEU A 117 14.73 24.08 -0.38
CA LEU A 117 13.56 23.94 0.48
C LEU A 117 12.96 22.54 0.38
N PHE A 118 13.03 21.91 -0.79
CA PHE A 118 12.46 20.57 -0.91
C PHE A 118 13.30 19.54 -0.16
N VAL A 119 14.62 19.72 -0.14
CA VAL A 119 15.48 18.83 0.63
C VAL A 119 15.25 19.01 2.12
N GLU A 120 15.07 20.26 2.56
CA GLU A 120 14.78 20.53 3.96
C GLU A 120 13.40 20.00 4.36
N PHE A 121 12.41 20.21 3.49
CA PHE A 121 11.08 19.64 3.75
C PHE A 121 11.15 18.14 3.89
N ARG A 122 11.85 17.49 2.98
CA ARG A 122 11.92 16.06 3.03
C ARG A 122 12.54 15.60 4.33
N HIS A 123 13.58 16.26 4.78
CA HIS A 123 14.23 15.86 6.03
C HIS A 123 13.30 16.04 7.23
N SER A 124 12.57 17.16 7.28
CA SER A 124 11.63 17.39 8.38
C SER A 124 10.52 16.34 8.40
N ALA A 125 9.92 16.07 7.23
CA ALA A 125 8.82 15.11 7.17
C ALA A 125 9.28 13.69 7.47
N THR A 126 10.51 13.36 7.09
CA THR A 126 11.12 12.08 7.39
C THR A 126 11.53 11.85 8.86
N HIS A 127 12.19 12.84 9.44
CA HIS A 127 12.87 12.68 10.71
C HIS A 127 12.46 13.58 11.85
N ASP A 128 11.76 14.64 11.52
CA ASP A 128 11.42 15.66 12.48
C ASP A 128 9.91 15.88 12.63
N ALA A 129 9.51 17.06 13.07
CA ALA A 129 8.10 17.41 13.18
C ALA A 129 7.46 17.44 11.79
N LEU A 130 6.23 16.97 11.71
CA LEU A 130 5.55 16.96 10.45
C LEU A 130 5.36 18.42 10.01
N PRO A 131 5.73 18.74 8.78
CA PRO A 131 5.59 20.12 8.33
C PRO A 131 4.16 20.63 8.52
N SER A 132 4.07 21.93 8.78
CA SER A 132 2.81 22.57 9.08
C SER A 132 1.93 22.65 7.84
N LEU A 133 0.67 23.07 8.07
CA LEU A 133 -0.29 23.19 6.97
C LEU A 133 0.23 24.13 5.89
N GLU A 134 0.69 25.32 6.29
CA GLU A 134 1.13 26.27 5.28
C GLU A 134 2.46 25.86 4.66
N MET A 135 3.32 25.17 5.42
CA MET A 135 4.54 24.68 4.78
C MET A 135 4.20 23.67 3.67
N CYS A 136 3.19 22.82 3.92
CA CYS A 136 2.75 21.84 2.92
C CYS A 136 2.13 22.53 1.71
N LYS A 137 1.30 23.53 1.94
CA LYS A 137 0.68 24.22 0.83
C LYS A 137 1.72 24.90 -0.01
N THR A 138 2.65 25.59 0.64
CA THR A 138 3.69 26.25 -0.14
C THR A 138 4.55 25.23 -0.88
N CYS A 139 4.91 24.13 -0.25
CA CYS A 139 5.80 23.21 -0.94
C CYS A 139 5.08 22.44 -2.03
N VAL A 140 3.79 22.14 -1.86
CA VAL A 140 3.07 21.53 -2.99
C VAL A 140 2.95 22.52 -4.16
N ASP A 141 2.67 23.80 -3.85
CA ASP A 141 2.64 24.82 -4.92
C ASP A 141 3.98 24.93 -5.65
N ARG A 142 5.08 25.00 -4.89
CA ARG A 142 6.39 25.17 -5.52
C ARG A 142 6.83 23.93 -6.30
N ALA A 143 6.40 22.74 -5.86
CA ALA A 143 6.74 21.52 -6.60
C ALA A 143 5.97 21.45 -7.89
N ILE A 144 4.72 21.91 -7.87
CA ILE A 144 3.96 21.98 -9.11
C ILE A 144 4.63 22.98 -10.05
N ASP A 145 5.05 24.13 -9.51
CA ASP A 145 5.86 25.05 -10.31
C ASP A 145 7.07 24.36 -10.90
N TRP A 146 7.73 23.52 -10.10
CA TRP A 146 8.93 22.88 -10.55
C TRP A 146 8.69 21.90 -11.71
N VAL A 147 7.68 21.05 -11.59
CA VAL A 147 7.38 20.11 -12.64
C VAL A 147 6.96 20.85 -13.90
N TRP A 148 6.26 21.96 -13.73
CA TRP A 148 5.93 22.77 -14.88
C TRP A 148 7.19 23.35 -15.55
N ASP A 149 8.06 23.96 -14.79
CA ASP A 149 9.25 24.59 -15.33
C ASP A 149 10.16 23.58 -16.00
N HIS A 150 10.29 22.42 -15.37
CA HIS A 150 11.23 21.44 -15.84
C HIS A 150 10.71 20.31 -16.71
N TYR A 151 9.41 20.24 -16.86
CA TYR A 151 8.83 19.23 -17.72
C TYR A 151 7.66 19.71 -18.54
N TRP A 152 6.58 20.07 -17.88
CA TRP A 152 5.34 20.36 -18.55
C TRP A 152 5.40 21.55 -19.50
N ASP A 153 6.15 22.56 -19.13
CA ASP A 153 6.20 23.76 -19.97
C ASP A 153 6.67 23.34 -21.35
N GLY A 154 7.60 22.42 -21.41
CA GLY A 154 8.19 21.98 -22.66
C GLY A 154 7.41 20.94 -23.45
N VAL A 155 6.31 20.48 -22.88
CA VAL A 155 5.48 19.51 -23.59
C VAL A 155 4.69 20.23 -24.72
N LEU A 156 4.88 19.79 -25.95
CA LEU A 156 4.13 20.38 -27.08
C LEU A 156 4.18 19.45 -28.24
N SER A 157 3.22 19.57 -29.12
CA SER A 157 3.28 18.78 -30.36
C SER A 157 4.43 19.31 -31.21
N ILE A 158 5.06 18.40 -31.92
CA ILE A 158 5.95 18.81 -32.96
C ILE A 158 5.31 18.63 -34.33
N SER B 5 1.07 6.12 33.26
CA SER B 5 1.28 6.63 34.61
C SER B 5 0.64 8.00 34.78
N SER B 6 1.04 8.97 33.97
CA SER B 6 0.44 10.30 34.01
C SER B 6 -1.07 10.29 33.75
N ASP B 7 -1.81 11.19 34.41
CA ASP B 7 -3.25 11.22 34.19
C ASP B 7 -3.60 11.38 32.73
N GLU B 8 -2.83 12.21 32.01
CA GLU B 8 -3.13 12.47 30.61
C GLU B 8 -2.98 11.19 29.78
N VAL B 9 -1.91 10.43 30.03
CA VAL B 9 -1.69 9.19 29.27
C VAL B 9 -2.76 8.16 29.62
N VAL B 10 -3.16 8.10 30.90
CA VAL B 10 -4.22 7.18 31.30
C VAL B 10 -5.55 7.57 30.64
N TYR B 11 -5.86 8.86 30.58
CA TYR B 11 -7.07 9.26 29.88
C TYR B 11 -6.98 8.94 28.40
N LEU B 12 -5.82 9.21 27.77
CA LEU B 12 -5.67 8.93 26.34
C LEU B 12 -5.83 7.45 26.03
N LYS B 13 -5.37 6.58 26.94
CA LYS B 13 -5.51 5.15 26.69
C LYS B 13 -6.97 4.75 26.54
N GLY B 14 -7.86 5.37 27.33
CA GLY B 14 -9.27 5.04 27.25
C GLY B 14 -9.98 5.59 26.03
N LEU B 15 -9.42 6.62 25.40
CA LEU B 15 -10.00 7.16 24.16
C LEU B 15 -9.52 6.37 22.94
N PHE B 16 -8.22 6.06 22.88
CA PHE B 16 -7.69 5.25 21.78
C PHE B 16 -8.18 3.81 21.86
N PHE B 17 -8.26 3.29 23.07
CA PHE B 17 -8.57 1.90 23.27
C PHE B 17 -9.70 1.74 24.28
N PRO B 18 -10.94 2.13 23.81
CA PRO B 18 -11.99 2.10 24.84
C PRO B 18 -12.43 0.70 25.21
N ALA B 19 -12.94 0.52 26.41
CA ALA B 19 -13.52 -0.74 26.83
C ALA B 19 -14.73 -1.13 26.04
N ASP B 20 -15.55 -0.18 25.68
CA ASP B 20 -16.86 -0.46 25.11
C ASP B 20 -16.83 -0.48 23.59
N ARG B 21 -15.66 -0.77 23.07
CA ARG B 21 -15.37 -0.70 21.65
C ARG B 21 -16.27 -1.66 20.87
N GLU B 22 -16.57 -2.80 21.47
CA GLU B 22 -17.49 -3.77 20.89
C GLU B 22 -18.91 -3.24 20.74
N GLN B 23 -19.33 -2.44 21.70
CA GLN B 23 -20.70 -1.95 21.78
C GLN B 23 -20.89 -0.44 21.49
N ILE B 24 -19.98 0.15 20.75
CA ILE B 24 -19.98 1.56 20.46
C ILE B 24 -20.11 1.87 18.96
N SER B 25 -20.85 2.92 18.62
CA SER B 25 -20.95 3.42 17.26
C SER B 25 -19.70 4.12 16.68
N ARG B 26 -19.53 4.00 15.38
CA ARG B 26 -18.48 4.61 14.56
C ARG B 26 -18.39 6.08 14.89
N ASP B 27 -19.55 6.76 14.94
CA ASP B 27 -19.54 8.15 15.34
C ASP B 27 -18.96 8.34 16.74
N GLU B 28 -19.47 7.60 17.73
CA GLU B 28 -18.96 7.79 19.09
C GLU B 28 -17.49 7.42 19.18
N LEU B 29 -17.11 6.30 18.58
CA LEU B 29 -15.71 5.85 18.56
C LEU B 29 -14.81 6.90 17.92
N TYR B 30 -15.24 7.46 16.78
CA TYR B 30 -14.42 8.43 16.06
C TYR B 30 -14.34 9.77 16.79
N ARG B 31 -15.43 10.19 17.44
CA ARG B 31 -15.34 11.42 18.23
C ARG B 31 -14.33 11.27 19.37
N GLN B 32 -14.25 10.09 19.98
CA GLN B 32 -13.26 9.86 21.03
C GLN B 32 -11.84 9.84 20.46
N TYR B 33 -11.66 9.19 19.30
CA TYR B 33 -10.37 9.25 18.62
C TYR B 33 -9.94 10.69 18.37
N GLU B 34 -10.85 11.49 17.81
CA GLU B 34 -10.52 12.89 17.49
C GLU B 34 -10.19 13.69 18.74
N GLU B 35 -10.93 13.46 19.83
CA GLU B 35 -10.57 14.09 21.10
C GLU B 35 -9.13 13.76 21.48
N ALA B 36 -8.79 12.47 21.46
CA ALA B 36 -7.44 12.02 21.78
C ALA B 36 -6.39 12.63 20.86
N ILE B 37 -6.68 12.70 19.56
CA ILE B 37 -5.70 13.26 18.63
C ILE B 37 -5.53 14.74 18.87
N SER B 38 -6.63 15.47 19.10
CA SER B 38 -6.52 16.90 19.42
C SER B 38 -5.77 17.11 20.72
N LEU B 39 -5.96 16.23 21.70
CA LEU B 39 -5.23 16.35 22.95
C LEU B 39 -3.73 16.21 22.72
N VAL B 40 -3.34 15.14 22.03
CA VAL B 40 -1.94 14.94 21.66
C VAL B 40 -1.40 16.16 20.93
N GLU B 41 -2.13 16.65 19.93
CA GLU B 41 -1.70 17.84 19.21
C GLU B 41 -1.43 19.00 20.16
N MET B 42 -2.28 19.14 21.16
CA MET B 42 -2.18 20.14 22.20
C MET B 42 -1.01 19.97 23.17
N TYR B 43 -0.77 18.76 23.63
CA TYR B 43 0.41 18.44 24.42
C TYR B 43 1.69 18.70 23.63
N SER B 44 1.68 18.33 22.35
CA SER B 44 2.90 18.44 21.53
C SER B 44 3.28 19.89 21.28
N SER B 45 2.33 20.81 21.31
CA SER B 45 2.64 22.22 21.07
C SER B 45 3.54 22.77 22.16
N ARG B 46 3.06 22.63 23.38
CA ARG B 46 3.74 23.06 24.59
C ARG B 46 5.01 22.36 25.02
N THR B 47 4.99 21.04 25.02
CA THR B 47 5.99 20.23 25.68
C THR B 47 6.34 19.02 24.85
N ARG B 48 7.39 18.41 25.34
CA ARG B 48 7.92 17.24 24.77
C ARG B 48 6.96 16.07 25.01
N VAL B 49 6.59 15.47 23.88
CA VAL B 49 5.69 14.33 23.81
C VAL B 49 6.38 13.12 23.13
N SER B 50 6.15 11.94 23.68
CA SER B 50 6.84 10.75 23.21
C SER B 50 6.46 10.41 21.77
N HIS B 51 7.37 9.67 21.11
CA HIS B 51 7.11 9.21 19.75
C HIS B 51 5.87 8.32 19.71
N ILE B 52 5.71 7.43 20.68
CA ILE B 52 4.59 6.51 20.63
C ILE B 52 3.27 7.26 20.74
N LEU B 53 3.24 8.32 21.53
CA LEU B 53 2.03 9.12 21.57
C LEU B 53 1.74 9.83 20.26
N GLN B 54 2.76 10.45 19.68
CA GLN B 54 2.56 11.10 18.40
C GLN B 54 2.15 10.12 17.30
N SER B 55 2.81 8.98 17.22
CA SER B 55 2.49 7.99 16.19
C SER B 55 1.11 7.37 16.42
N THR B 56 0.74 7.11 17.68
CA THR B 56 -0.60 6.59 17.93
C THR B 56 -1.67 7.55 17.42
N ALA B 57 -1.47 8.85 17.65
CA ALA B 57 -2.41 9.86 17.15
C ALA B 57 -2.52 9.81 15.62
N HIS B 58 -1.39 9.84 14.91
CA HIS B 58 -1.46 9.80 13.45
C HIS B 58 -1.96 8.45 12.94
N LEU B 59 -1.62 7.36 13.63
CA LEU B 59 -2.13 6.05 13.20
C LEU B 59 -3.66 6.01 13.25
N PHE B 60 -4.26 6.52 14.32
CA PHE B 60 -5.73 6.53 14.37
C PHE B 60 -6.31 7.50 13.35
N SER B 61 -5.65 8.64 13.11
CA SER B 61 -6.05 9.51 12.00
C SER B 61 -6.06 8.76 10.67
N ALA B 62 -5.01 7.95 10.41
CA ALA B 62 -4.95 7.18 9.18
C ALA B 62 -6.01 6.09 9.18
N LEU B 63 -6.24 5.45 10.32
CA LEU B 63 -7.26 4.39 10.36
C LEU B 63 -8.64 4.93 10.01
N MET B 64 -9.03 6.05 10.62
CA MET B 64 -10.33 6.63 10.31
C MET B 64 -10.45 6.96 8.83
N MET B 65 -9.40 7.51 8.24
CA MET B 65 -9.46 7.84 6.82
C MET B 65 -9.57 6.58 5.98
N LEU B 66 -8.88 5.54 6.38
CA LEU B 66 -8.99 4.28 5.68
C LEU B 66 -10.36 3.65 5.79
N GLU B 67 -10.92 3.65 6.97
CA GLU B 67 -12.23 3.01 7.12
C GLU B 67 -13.32 3.83 6.43
N SER B 68 -13.13 5.13 6.34
CA SER B 68 -14.10 6.02 5.72
C SER B 68 -14.00 6.06 4.19
N PHE B 69 -13.06 5.36 3.59
CA PHE B 69 -12.90 5.37 2.14
C PHE B 69 -14.06 4.64 1.46
N GLU B 70 -14.70 5.32 0.53
CA GLU B 70 -15.88 4.79 -0.14
C GLU B 70 -15.84 4.69 -1.66
N GLY B 71 -14.68 4.78 -2.26
CA GLY B 71 -14.57 4.67 -3.71
C GLY B 71 -13.95 5.90 -4.31
N GLY B 72 -13.71 5.81 -5.60
CA GLY B 72 -12.99 6.86 -6.29
C GLY B 72 -11.49 6.65 -6.18
N LEU B 73 -10.76 7.73 -6.37
CA LEU B 73 -9.31 7.67 -6.31
C LEU B 73 -8.84 7.44 -4.87
N ASP B 74 -7.99 6.43 -4.68
CA ASP B 74 -7.52 6.05 -3.35
C ASP B 74 -6.17 6.67 -3.00
N ASP B 75 -5.64 7.57 -3.83
CA ASP B 75 -4.27 8.02 -3.63
C ASP B 75 -4.09 8.74 -2.29
N THR B 76 -5.02 9.62 -1.91
CA THR B 76 -4.77 10.43 -0.71
C THR B 76 -4.80 9.59 0.55
N VAL B 77 -5.69 8.59 0.63
CA VAL B 77 -5.70 7.78 1.84
C VAL B 77 -4.43 6.95 1.93
N ARG B 78 -3.92 6.48 0.77
CA ARG B 78 -2.67 5.73 0.74
C ARG B 78 -1.48 6.62 1.09
N LEU B 79 -1.45 7.84 0.57
CA LEU B 79 -0.37 8.77 0.90
C LEU B 79 -0.39 9.09 2.39
N THR B 80 -1.57 9.35 2.95
CA THR B 80 -1.72 9.58 4.39
C THR B 80 -1.19 8.41 5.20
N ALA B 81 -1.67 7.19 4.90
CA ALA B 81 -1.27 6.02 5.66
C ALA B 81 0.22 5.75 5.52
N SER B 82 0.77 5.91 4.31
CA SER B 82 2.17 5.62 4.08
C SER B 82 3.06 6.56 4.88
N MET B 83 2.71 7.85 4.92
CA MET B 83 3.52 8.80 5.67
C MET B 83 3.50 8.46 7.15
N THR B 84 2.34 8.03 7.65
CA THR B 84 2.21 7.67 9.06
C THR B 84 3.13 6.49 9.39
N ILE B 85 3.10 5.45 8.56
CA ILE B 85 3.94 4.28 8.82
C ILE B 85 5.43 4.63 8.75
N ILE B 86 5.82 5.45 7.77
CA ILE B 86 7.24 5.81 7.65
C ILE B 86 7.72 6.51 8.92
N ARG B 87 6.92 7.43 9.44
CA ARG B 87 7.36 8.18 10.61
C ARG B 87 7.33 7.30 11.86
N PHE B 88 6.32 6.45 11.98
CA PHE B 88 6.28 5.44 13.03
C PHE B 88 7.57 4.62 13.06
N VAL B 89 7.98 4.07 11.91
CA VAL B 89 9.18 3.24 11.84
C VAL B 89 10.44 4.09 12.06
N ASN B 90 10.48 5.27 11.46
CA ASN B 90 11.69 6.08 11.57
C ASN B 90 11.96 6.47 13.00
N GLY B 91 10.91 6.82 13.75
CA GLY B 91 11.10 7.22 15.13
C GLY B 91 11.54 6.06 16.00
N LEU B 92 11.16 4.85 15.64
CA LEU B 92 11.58 3.66 16.38
C LEU B 92 13.00 3.24 16.01
N LEU B 93 13.40 3.41 14.77
CA LEU B 93 14.60 2.77 14.26
C LEU B 93 15.78 3.68 14.03
N ASP B 94 15.54 4.94 13.74
CA ASP B 94 16.64 5.87 13.53
C ASP B 94 16.76 6.84 14.65
N PRO B 104 21.38 -0.45 9.54
CA PRO B 104 20.82 -1.72 9.04
C PRO B 104 19.45 -1.99 9.66
N LEU B 105 18.40 -1.57 8.97
CA LEU B 105 17.09 -1.50 9.58
C LEU B 105 16.48 -2.80 10.02
N HIS B 106 16.63 -3.83 9.21
CA HIS B 106 16.06 -5.11 9.55
C HIS B 106 16.60 -5.69 10.84
N LEU B 107 17.85 -5.42 11.12
CA LEU B 107 18.47 -6.00 12.29
C LEU B 107 17.98 -5.25 13.53
N LEU B 108 17.90 -3.94 13.41
CA LEU B 108 17.40 -3.12 14.48
C LEU B 108 15.96 -3.44 14.84
N ALA B 109 15.16 -3.68 13.81
CA ALA B 109 13.78 -3.99 14.02
C ALA B 109 13.61 -5.29 14.78
N LYS B 110 14.41 -6.31 14.48
CA LYS B 110 14.28 -7.55 15.19
C LYS B 110 14.54 -7.35 16.69
N LYS B 111 15.54 -6.54 16.97
CA LYS B 111 15.93 -6.26 18.35
C LYS B 111 14.80 -5.69 19.18
N ILE B 112 13.98 -4.85 18.56
CA ILE B 112 12.85 -4.29 19.25
C ILE B 112 11.55 -5.01 18.98
N ASP B 113 11.63 -6.15 18.34
CA ASP B 113 10.44 -6.94 18.04
C ASP B 113 9.45 -6.18 17.16
N LEU B 114 9.99 -5.45 16.20
CA LEU B 114 9.18 -4.81 15.20
C LEU B 114 9.17 -5.68 13.95
N PRO B 115 7.90 -6.09 13.58
CA PRO B 115 7.88 -7.01 12.43
C PRO B 115 8.57 -6.48 11.15
N SER B 116 9.21 -7.36 10.40
CA SER B 116 9.94 -6.95 9.22
C SER B 116 9.04 -6.28 8.18
N LEU B 117 7.78 -6.67 8.17
CA LEU B 117 6.86 -6.08 7.20
C LEU B 117 6.88 -4.54 7.25
N PHE B 118 7.18 -3.96 8.42
CA PHE B 118 7.20 -2.50 8.52
C PHE B 118 8.41 -1.89 7.83
N VAL B 119 9.54 -2.58 7.85
CA VAL B 119 10.72 -2.10 7.15
C VAL B 119 10.51 -2.19 5.65
N GLU B 120 9.87 -3.28 5.21
CA GLU B 120 9.57 -3.44 3.79
C GLU B 120 8.58 -2.38 3.32
N PHE B 121 7.55 -2.10 4.13
CA PHE B 121 6.58 -1.06 3.77
C PHE B 121 7.28 0.29 3.66
N ARG B 122 8.04 0.68 4.69
CA ARG B 122 8.79 1.92 4.66
C ARG B 122 9.63 2.04 3.40
N HIS B 123 10.29 0.94 3.00
CA HIS B 123 11.13 1.01 1.82
C HIS B 123 10.30 1.30 0.57
N SER B 124 9.21 0.55 0.36
CA SER B 124 8.35 0.77 -0.81
C SER B 124 7.77 2.17 -0.82
N ALA B 125 7.23 2.63 0.29
CA ALA B 125 6.62 3.94 0.31
C ALA B 125 7.62 5.03 0.03
N THR B 126 8.81 4.84 0.56
CA THR B 126 9.92 5.75 0.39
C THR B 126 10.56 5.77 -0.98
N HIS B 127 10.82 4.59 -1.51
CA HIS B 127 11.60 4.45 -2.73
C HIS B 127 10.99 3.80 -3.93
N ASP B 128 9.83 3.19 -3.80
CA ASP B 128 9.26 2.46 -4.91
C ASP B 128 7.77 2.75 -5.09
N ALA B 129 6.99 1.72 -5.42
CA ALA B 129 5.58 1.92 -5.64
C ALA B 129 4.90 2.26 -4.34
N LEU B 130 3.95 3.17 -4.38
CA LEU B 130 3.19 3.47 -3.19
C LEU B 130 2.35 2.24 -2.83
N PRO B 131 2.46 1.86 -1.50
CA PRO B 131 1.68 0.67 -1.15
C PRO B 131 0.18 0.80 -1.37
N SER B 132 -0.43 -0.35 -1.63
CA SER B 132 -1.82 -0.44 -2.00
C SER B 132 -2.73 -0.11 -0.83
N LEU B 133 -3.97 0.16 -1.14
CA LEU B 133 -4.94 0.40 -0.08
C LEU B 133 -4.91 -0.73 0.96
N GLU B 134 -4.88 -1.97 0.48
CA GLU B 134 -4.91 -3.10 1.41
C GLU B 134 -3.63 -3.20 2.23
N MET B 135 -2.46 -2.95 1.60
CA MET B 135 -1.21 -2.93 2.35
C MET B 135 -1.23 -1.84 3.41
N CYS B 136 -1.81 -0.69 3.08
CA CYS B 136 -1.90 0.40 4.05
C CYS B 136 -2.78 0.02 5.24
N LYS B 137 -3.96 -0.55 4.97
CA LYS B 137 -4.83 -0.99 6.07
C LYS B 137 -4.14 -2.03 6.94
N THR B 138 -3.46 -3.01 6.33
CA THR B 138 -2.77 -4.06 7.09
C THR B 138 -1.69 -3.48 7.99
N CYS B 139 -0.91 -2.59 7.44
CA CYS B 139 0.12 -1.97 8.20
C CYS B 139 -0.37 -1.08 9.35
N VAL B 140 -1.38 -0.27 9.07
CA VAL B 140 -1.90 0.60 10.12
C VAL B 140 -2.50 -0.24 11.24
N ASP B 141 -3.28 -1.25 10.88
CA ASP B 141 -3.81 -2.19 11.87
C ASP B 141 -2.70 -2.82 12.69
N ARG B 142 -1.66 -3.32 12.01
CA ARG B 142 -0.59 -3.98 12.73
C ARG B 142 0.22 -3.01 13.57
N ALA B 143 0.37 -1.76 13.12
CA ALA B 143 1.09 -0.79 13.93
C ALA B 143 0.30 -0.41 15.17
N ILE B 144 -1.03 -0.32 15.06
CA ILE B 144 -1.84 -0.06 16.24
C ILE B 144 -1.74 -1.24 17.21
N ASP B 145 -1.73 -2.47 16.69
CA ASP B 145 -1.49 -3.63 17.56
C ASP B 145 -0.16 -3.49 18.27
N TRP B 146 0.87 -2.99 17.56
CA TRP B 146 2.21 -2.97 18.11
C TRP B 146 2.34 -1.95 19.24
N VAL B 147 1.84 -0.72 19.04
CA VAL B 147 1.94 0.27 20.12
C VAL B 147 1.10 -0.15 21.31
N TRP B 148 0.05 -0.94 21.10
CA TRP B 148 -0.68 -1.50 22.24
C TRP B 148 0.18 -2.52 22.98
N ASP B 149 0.70 -3.50 22.24
CA ASP B 149 1.50 -4.57 22.83
C ASP B 149 2.68 -4.01 23.63
N HIS B 150 3.32 -2.96 23.12
CA HIS B 150 4.59 -2.51 23.66
C HIS B 150 4.53 -1.20 24.41
N TYR B 151 3.35 -0.58 24.53
CA TYR B 151 3.24 0.64 25.32
C TYR B 151 1.91 0.72 26.04
N TRP B 152 0.81 0.78 25.29
CA TRP B 152 -0.49 1.13 25.87
C TRP B 152 -0.98 0.07 26.85
N ASP B 153 -0.69 -1.21 26.57
CA ASP B 153 -1.22 -2.29 27.40
C ASP B 153 -0.73 -2.16 28.84
N GLY B 154 0.50 -1.71 29.03
CA GLY B 154 1.10 -1.55 30.33
C GLY B 154 0.81 -0.25 31.03
N VAL B 155 -0.02 0.62 30.47
CA VAL B 155 -0.48 1.83 31.15
C VAL B 155 -1.73 1.49 31.93
N LEU B 156 -1.80 1.92 33.17
CA LEU B 156 -2.97 1.60 34.00
C LEU B 156 -3.19 2.67 35.09
N TRP C 3 12.22 -17.46 1.96
CA TRP C 3 12.86 -18.44 2.78
C TRP C 3 11.82 -19.20 3.55
N LYS C 4 11.80 -20.48 3.33
CA LYS C 4 10.83 -21.31 3.97
C LYS C 4 11.14 -21.56 5.43
N SER C 5 12.32 -21.15 5.88
CA SER C 5 12.73 -21.26 7.27
C SER C 5 12.57 -19.96 8.03
N SER C 6 12.30 -18.85 7.34
CA SER C 6 12.16 -17.56 8.01
C SER C 6 10.97 -17.56 8.97
N ASP C 7 11.09 -16.73 10.02
CA ASP C 7 9.98 -16.57 10.94
C ASP C 7 8.72 -16.10 10.21
N GLU C 8 8.90 -15.27 9.18
CA GLU C 8 7.75 -14.74 8.44
C GLU C 8 6.92 -15.88 7.83
N VAL C 9 7.57 -16.75 7.06
CA VAL C 9 6.81 -17.75 6.32
C VAL C 9 6.35 -18.85 7.27
N VAL C 10 7.11 -19.11 8.34
CA VAL C 10 6.68 -20.02 9.39
C VAL C 10 5.39 -19.52 10.05
N TYR C 11 5.26 -18.20 10.21
CA TYR C 11 4.02 -17.66 10.77
C TYR C 11 2.84 -17.88 9.82
N LEU C 12 3.07 -17.66 8.52
CA LEU C 12 2.05 -17.88 7.50
C LEU C 12 1.55 -19.33 7.50
N LYS C 13 2.44 -20.30 7.71
CA LYS C 13 1.99 -21.70 7.68
C LYS C 13 0.92 -21.96 8.74
N GLY C 14 1.07 -21.39 9.93
CA GLY C 14 0.05 -21.53 10.98
C GLY C 14 -1.25 -20.80 10.68
N LEU C 15 -1.21 -19.77 9.84
CA LEU C 15 -2.42 -19.11 9.40
C LEU C 15 -3.11 -19.90 8.29
N PHE C 16 -2.36 -20.26 7.23
CA PHE C 16 -2.98 -20.95 6.11
C PHE C 16 -3.39 -22.37 6.50
N PHE C 17 -2.60 -22.98 7.37
CA PHE C 17 -2.77 -24.37 7.72
C PHE C 17 -2.73 -24.59 9.24
N PRO C 18 -3.82 -24.03 9.91
CA PRO C 18 -3.67 -24.04 11.37
C PRO C 18 -3.81 -25.41 12.03
N ALA C 19 -3.27 -25.58 13.23
CA ALA C 19 -3.35 -26.86 13.90
C ALA C 19 -4.63 -27.12 14.69
N ASP C 20 -5.44 -26.11 14.88
CA ASP C 20 -6.67 -26.27 15.65
C ASP C 20 -7.81 -26.20 14.67
N ARG C 21 -7.55 -26.72 13.48
CA ARG C 21 -8.43 -26.63 12.38
C ARG C 21 -9.77 -27.27 12.71
N GLU C 22 -9.78 -28.39 13.44
CA GLU C 22 -11.06 -29.03 13.72
C GLU C 22 -11.92 -28.12 14.56
N GLN C 23 -11.28 -27.53 15.56
CA GLN C 23 -11.87 -26.59 16.50
C GLN C 23 -12.23 -25.22 16.00
N ILE C 24 -11.38 -24.67 15.18
CA ILE C 24 -11.49 -23.30 14.84
C ILE C 24 -12.82 -22.97 14.20
N SER C 25 -13.39 -21.83 14.58
CA SER C 25 -14.60 -21.32 13.98
C SER C 25 -14.37 -20.89 12.53
N ARG C 26 -15.40 -20.93 11.70
CA ARG C 26 -15.23 -20.47 10.31
C ARG C 26 -14.82 -19.01 10.30
N ASP C 27 -15.40 -18.24 11.20
CA ASP C 27 -15.09 -16.83 11.29
C ASP C 27 -13.60 -16.65 11.65
N GLU C 28 -13.16 -17.41 12.62
CA GLU C 28 -11.79 -17.29 13.07
C GLU C 28 -10.83 -17.74 11.98
N LEU C 29 -11.17 -18.83 11.32
CA LEU C 29 -10.34 -19.40 10.25
C LEU C 29 -10.15 -18.46 9.05
N TYR C 30 -11.24 -17.85 8.64
CA TYR C 30 -11.24 -16.85 7.59
C TYR C 30 -10.44 -15.62 8.00
N ARG C 31 -10.52 -15.26 9.27
CA ARG C 31 -9.72 -14.14 9.76
C ARG C 31 -8.24 -14.41 9.55
N GLN C 32 -7.78 -15.60 9.93
CA GLN C 32 -6.38 -15.96 9.76
C GLN C 32 -5.99 -16.05 8.30
N TYR C 33 -6.87 -16.59 7.44
CA TYR C 33 -6.58 -16.59 6.00
C TYR C 33 -6.41 -15.16 5.49
N GLU C 34 -7.35 -14.28 5.84
CA GLU C 34 -7.26 -12.89 5.41
C GLU C 34 -6.01 -12.22 5.97
N GLU C 35 -5.69 -12.49 7.23
CA GLU C 35 -4.41 -12.02 7.78
C GLU C 35 -3.26 -12.58 6.96
N ALA C 36 -3.29 -13.88 6.65
CA ALA C 36 -2.21 -14.48 5.88
C ALA C 36 -2.14 -13.86 4.48
N ILE C 37 -3.28 -13.76 3.81
CA ILE C 37 -3.30 -13.12 2.49
C ILE C 37 -2.67 -11.74 2.56
N SER C 38 -3.01 -10.97 3.60
CA SER C 38 -2.55 -9.59 3.70
C SER C 38 -1.05 -9.52 3.88
N LEU C 39 -0.48 -10.44 4.65
CA LEU C 39 0.96 -10.44 4.83
C LEU C 39 1.70 -10.77 3.54
N VAL C 40 1.15 -11.67 2.71
CA VAL C 40 1.88 -12.09 1.52
C VAL C 40 2.04 -10.94 0.52
N GLU C 41 1.05 -10.09 0.44
CA GLU C 41 1.17 -8.90 -0.39
C GLU C 41 2.35 -8.09 0.09
N MET C 42 2.50 -8.01 1.40
CA MET C 42 3.51 -7.14 1.99
C MET C 42 4.90 -7.62 1.67
N TYR C 43 5.11 -8.93 1.77
CA TYR C 43 6.33 -9.59 1.33
C TYR C 43 6.58 -9.52 -0.17
N SER C 44 5.58 -9.61 -0.96
CA SER C 44 5.77 -9.61 -2.38
C SER C 44 6.03 -8.29 -2.98
N SER C 45 5.93 -7.24 -2.20
CA SER C 45 5.62 -5.95 -2.80
C SER C 45 6.56 -5.55 -3.96
N ARG C 46 7.85 -5.46 -3.64
CA ARG C 46 8.79 -4.84 -4.53
C ARG C 46 9.92 -5.73 -5.03
N THR C 47 9.87 -7.00 -4.69
CA THR C 47 10.87 -7.91 -5.19
C THR C 47 10.38 -9.33 -5.34
N ARG C 48 11.19 -10.08 -6.09
CA ARG C 48 10.84 -11.37 -6.64
C ARG C 48 10.49 -12.38 -5.56
N VAL C 49 9.41 -13.08 -5.77
CA VAL C 49 8.83 -13.90 -4.73
C VAL C 49 8.54 -15.26 -5.28
N SER C 50 8.51 -16.28 -4.45
CA SER C 50 8.21 -17.60 -4.92
C SER C 50 6.82 -17.52 -5.52
N HIS C 51 6.67 -18.02 -6.73
CA HIS C 51 5.36 -18.16 -7.36
C HIS C 51 4.41 -19.03 -6.54
N ILE C 52 4.95 -20.04 -5.84
CA ILE C 52 4.09 -20.89 -5.02
C ILE C 52 3.60 -20.13 -3.80
N LEU C 53 4.50 -19.39 -3.13
CA LEU C 53 4.09 -18.62 -1.98
C LEU C 53 3.01 -17.61 -2.35
N GLN C 54 3.21 -16.93 -3.47
CA GLN C 54 2.22 -15.99 -3.94
C GLN C 54 0.91 -16.60 -4.38
N SER C 55 1.02 -17.69 -5.12
CA SER C 55 -0.18 -18.40 -5.54
C SER C 55 -1.03 -18.84 -4.36
N THR C 56 -0.40 -19.15 -3.22
CA THR C 56 -1.14 -19.64 -2.06
C THR C 56 -2.12 -18.58 -1.55
N ALA C 57 -1.68 -17.33 -1.51
CA ALA C 57 -2.57 -16.25 -1.10
C ALA C 57 -3.79 -16.17 -2.01
N HIS C 58 -3.57 -16.08 -3.33
CA HIS C 58 -4.67 -16.03 -4.29
C HIS C 58 -5.57 -17.25 -4.21
N LEU C 59 -5.00 -18.43 -3.96
CA LEU C 59 -5.82 -19.63 -3.92
C LEU C 59 -6.74 -19.62 -2.71
N PHE C 60 -6.23 -19.23 -1.54
CA PHE C 60 -7.10 -19.16 -0.37
C PHE C 60 -8.12 -18.05 -0.52
N SER C 61 -7.77 -16.97 -1.23
CA SER C 61 -8.76 -15.94 -1.52
C SER C 61 -9.91 -16.51 -2.34
N ALA C 62 -9.57 -17.24 -3.40
CA ALA C 62 -10.60 -17.86 -4.24
C ALA C 62 -11.43 -18.84 -3.42
N LEU C 63 -10.77 -19.57 -2.50
CA LEU C 63 -11.48 -20.55 -1.66
C LEU C 63 -12.58 -19.89 -0.83
N MET C 64 -12.27 -18.76 -0.22
CA MET C 64 -13.28 -18.08 0.59
C MET C 64 -14.38 -17.50 -0.28
N MET C 65 -13.99 -16.94 -1.40
CA MET C 65 -14.97 -16.43 -2.33
C MET C 65 -15.92 -17.53 -2.85
N LEU C 66 -15.37 -18.68 -3.18
CA LEU C 66 -16.19 -19.80 -3.63
C LEU C 66 -17.08 -20.33 -2.51
N GLU C 67 -16.53 -20.45 -1.30
CA GLU C 67 -17.30 -20.98 -0.18
C GLU C 67 -18.39 -20.01 0.26
N SER C 68 -18.09 -18.73 0.11
CA SER C 68 -19.03 -17.67 0.44
C SER C 68 -20.11 -17.34 -0.58
N PHE C 69 -20.00 -17.85 -1.79
CA PHE C 69 -20.94 -17.51 -2.83
C PHE C 69 -22.30 -17.99 -2.41
N GLU C 70 -23.30 -17.17 -2.61
CA GLU C 70 -24.65 -17.51 -2.18
C GLU C 70 -25.69 -17.31 -3.28
N GLY C 71 -25.59 -18.07 -4.36
CA GLY C 71 -26.62 -18.07 -5.39
C GLY C 71 -26.59 -16.89 -6.32
N GLY C 72 -27.51 -16.87 -7.26
CA GLY C 72 -27.49 -15.91 -8.33
C GLY C 72 -26.62 -16.40 -9.46
N LEU C 73 -26.21 -15.49 -10.30
CA LEU C 73 -25.33 -15.81 -11.40
C LEU C 73 -23.94 -16.09 -10.82
N ASP C 74 -23.33 -17.20 -11.25
CA ASP C 74 -22.06 -17.60 -10.70
C ASP C 74 -20.88 -17.21 -11.59
N ASP C 75 -21.12 -16.39 -12.61
CA ASP C 75 -20.11 -16.15 -13.63
C ASP C 75 -18.91 -15.37 -13.09
N THR C 76 -19.14 -14.44 -12.15
CA THR C 76 -18.00 -13.67 -11.63
C THR C 76 -17.15 -14.51 -10.69
N VAL C 77 -17.77 -15.34 -9.84
CA VAL C 77 -16.94 -16.17 -8.98
C VAL C 77 -16.18 -17.19 -9.83
N ARG C 78 -16.82 -17.72 -10.89
CA ARG C 78 -16.15 -18.64 -11.79
C ARG C 78 -15.02 -17.96 -12.55
N LEU C 79 -15.26 -16.77 -13.13
CA LEU C 79 -14.18 -16.07 -13.83
C LEU C 79 -12.99 -15.82 -12.90
N THR C 80 -13.27 -15.38 -11.69
CA THR C 80 -12.26 -15.09 -10.67
C THR C 80 -11.42 -16.32 -10.38
N ALA C 81 -12.10 -17.40 -10.01
CA ALA C 81 -11.39 -18.64 -9.66
C ALA C 81 -10.62 -19.18 -10.85
N SER C 82 -11.23 -19.13 -12.05
CA SER C 82 -10.59 -19.67 -13.24
C SER C 82 -9.32 -18.92 -13.59
N MET C 83 -9.36 -17.57 -13.53
CA MET C 83 -8.13 -16.84 -13.79
C MET C 83 -7.08 -17.09 -12.71
N THR C 84 -7.51 -17.27 -11.46
CA THR C 84 -6.59 -17.63 -10.38
C THR C 84 -5.92 -18.97 -10.66
N ILE C 85 -6.71 -19.97 -11.06
CA ILE C 85 -6.15 -21.28 -11.37
C ILE C 85 -5.20 -21.18 -12.55
N ILE C 86 -5.62 -20.52 -13.61
CA ILE C 86 -4.80 -20.42 -14.78
C ILE C 86 -3.49 -19.69 -14.52
N ARG C 87 -3.54 -18.62 -13.73
CA ARG C 87 -2.34 -17.89 -13.35
C ARG C 87 -1.37 -18.79 -12.54
N PHE C 88 -1.94 -19.62 -11.69
CA PHE C 88 -1.15 -20.58 -10.93
C PHE C 88 -0.46 -21.58 -11.84
N VAL C 89 -1.21 -22.13 -12.77
CA VAL C 89 -0.70 -23.08 -13.69
C VAL C 89 0.33 -22.46 -14.63
N ASN C 90 0.02 -21.28 -15.15
CA ASN C 90 0.90 -20.65 -16.09
C ASN C 90 2.24 -20.32 -15.45
N GLY C 91 2.21 -19.84 -14.22
CA GLY C 91 3.41 -19.52 -13.51
C GLY C 91 4.32 -20.71 -13.26
N LEU C 92 3.72 -21.87 -12.93
CA LEU C 92 4.44 -23.12 -12.80
C LEU C 92 5.01 -23.69 -14.08
N LEU C 93 4.22 -23.68 -15.13
CA LEU C 93 4.59 -24.18 -16.42
C LEU C 93 5.10 -23.47 -17.63
N ASP C 94 4.61 -22.30 -17.92
CA ASP C 94 5.11 -21.56 -19.09
C ASP C 94 5.36 -20.16 -18.48
N PRO C 95 6.42 -20.06 -17.57
CA PRO C 95 6.65 -18.70 -17.04
C PRO C 95 7.08 -17.64 -18.07
N ASN C 96 7.66 -18.08 -19.16
CA ASN C 96 8.19 -17.20 -20.19
C ASN C 96 7.26 -16.99 -21.39
N GLN C 97 6.02 -17.45 -21.26
CA GLN C 97 4.98 -17.23 -22.26
C GLN C 97 5.44 -17.65 -23.64
N GLN C 98 5.99 -18.84 -23.76
CA GLN C 98 6.47 -19.36 -25.02
C GLN C 98 5.40 -19.68 -26.05
N SER C 99 5.74 -19.52 -27.34
CA SER C 99 4.91 -19.99 -28.46
C SER C 99 4.90 -21.50 -28.77
N GLN C 100 6.04 -22.13 -28.63
CA GLN C 100 6.15 -23.56 -28.88
C GLN C 100 6.91 -24.19 -27.73
N PHE C 101 6.42 -25.33 -27.24
CA PHE C 101 7.01 -25.91 -26.07
C PHE C 101 7.67 -27.25 -26.41
N ALA C 102 8.95 -27.37 -26.13
CA ALA C 102 9.72 -28.57 -26.41
C ALA C 102 9.23 -29.74 -25.58
N ILE C 103 8.87 -29.48 -24.34
CA ILE C 103 8.21 -30.49 -23.55
C ILE C 103 6.78 -30.06 -23.36
N PRO C 104 5.84 -30.87 -23.83
CA PRO C 104 4.44 -30.46 -23.77
C PRO C 104 4.03 -30.15 -22.33
N LEU C 105 3.01 -29.29 -22.21
CA LEU C 105 2.59 -28.82 -20.90
C LEU C 105 2.22 -29.97 -19.98
N HIS C 106 1.59 -31.02 -20.52
CA HIS C 106 1.16 -32.12 -19.66
C HIS C 106 2.33 -32.91 -19.12
N LEU C 107 3.45 -33.01 -19.85
CA LEU C 107 4.61 -33.71 -19.31
C LEU C 107 5.35 -32.84 -18.30
N LEU C 108 5.41 -31.55 -18.56
CA LEU C 108 5.95 -30.67 -17.59
C LEU C 108 5.14 -30.79 -16.33
N ALA C 109 3.81 -30.77 -16.45
CA ALA C 109 2.95 -30.96 -15.28
C ALA C 109 3.25 -32.27 -14.57
N LYS C 110 3.40 -33.34 -15.31
CA LYS C 110 3.65 -34.64 -14.72
C LYS C 110 4.94 -34.65 -13.93
N LYS C 111 5.93 -33.95 -14.43
CA LYS C 111 7.21 -33.86 -13.75
C LYS C 111 7.12 -33.24 -12.37
N ILE C 112 6.23 -32.26 -12.18
CA ILE C 112 6.20 -31.56 -10.91
C ILE C 112 5.03 -32.06 -10.06
N ASP C 113 4.56 -33.27 -10.36
CA ASP C 113 3.45 -33.90 -9.66
C ASP C 113 2.21 -33.00 -9.62
N LEU C 114 2.01 -32.27 -10.69
CA LEU C 114 0.79 -31.50 -10.85
C LEU C 114 -0.25 -32.32 -11.63
N PRO C 115 -1.43 -32.52 -10.92
CA PRO C 115 -2.41 -33.35 -11.65
C PRO C 115 -2.82 -32.87 -13.06
N SER C 116 -3.15 -33.82 -13.92
CA SER C 116 -3.56 -33.57 -15.30
C SER C 116 -4.79 -32.65 -15.36
N LEU C 117 -5.59 -32.69 -14.32
CA LEU C 117 -6.78 -31.88 -14.21
C LEU C 117 -6.45 -30.40 -14.46
N PHE C 118 -5.31 -29.94 -13.98
CA PHE C 118 -4.93 -28.55 -14.17
C PHE C 118 -4.68 -28.12 -15.60
N VAL C 119 -4.03 -28.97 -16.35
CA VAL C 119 -3.81 -28.73 -17.78
C VAL C 119 -5.09 -28.78 -18.60
N GLU C 120 -5.96 -29.72 -18.26
CA GLU C 120 -7.27 -29.82 -18.87
C GLU C 120 -8.15 -28.61 -18.56
N PHE C 121 -8.06 -28.17 -17.31
CA PHE C 121 -8.79 -26.99 -16.88
C PHE C 121 -8.31 -25.77 -17.64
N ARG C 122 -7.01 -25.64 -17.78
CA ARG C 122 -6.47 -24.52 -18.51
C ARG C 122 -6.87 -24.54 -19.97
N HIS C 123 -6.79 -25.71 -20.57
CA HIS C 123 -7.20 -25.86 -21.97
C HIS C 123 -8.66 -25.50 -22.16
N SER C 124 -9.54 -26.11 -21.36
CA SER C 124 -10.98 -25.89 -21.49
C SER C 124 -11.34 -24.42 -21.28
N ALA C 125 -10.82 -23.80 -20.21
CA ALA C 125 -11.09 -22.39 -19.94
C ALA C 125 -10.55 -21.48 -21.03
N THR C 126 -9.39 -21.77 -21.58
CA THR C 126 -8.81 -20.94 -22.63
C THR C 126 -9.49 -21.05 -23.97
N HIS C 127 -9.76 -22.28 -24.35
CA HIS C 127 -10.21 -22.57 -25.70
C HIS C 127 -11.67 -22.94 -25.86
N ASP C 128 -12.39 -23.19 -24.77
CA ASP C 128 -13.76 -23.63 -24.87
C ASP C 128 -14.77 -22.78 -24.15
N ALA C 129 -14.74 -22.82 -22.83
CA ALA C 129 -15.74 -22.15 -22.01
C ALA C 129 -15.28 -21.94 -20.58
N LEU C 130 -15.98 -21.06 -19.89
CA LEU C 130 -15.70 -20.85 -18.48
C LEU C 130 -16.08 -22.11 -17.72
N PRO C 131 -15.17 -22.66 -16.94
CA PRO C 131 -15.51 -23.89 -16.22
C PRO C 131 -16.55 -23.66 -15.14
N SER C 132 -17.20 -24.75 -14.79
CA SER C 132 -18.31 -24.71 -13.85
C SER C 132 -17.85 -24.31 -12.45
N LEU C 133 -18.81 -23.87 -11.64
CA LEU C 133 -18.55 -23.54 -10.24
C LEU C 133 -17.88 -24.69 -9.51
N GLU C 134 -18.44 -25.90 -9.63
CA GLU C 134 -17.90 -27.02 -8.88
C GLU C 134 -16.51 -27.40 -9.34
N MET C 135 -16.24 -27.33 -10.64
CA MET C 135 -14.91 -27.61 -11.14
C MET C 135 -13.92 -26.55 -10.65
N CYS C 136 -14.37 -25.30 -10.53
CA CYS C 136 -13.50 -24.28 -9.96
C CYS C 136 -13.17 -24.60 -8.50
N LYS C 137 -14.18 -25.00 -7.71
CA LYS C 137 -13.94 -25.34 -6.31
C LYS C 137 -13.00 -26.53 -6.18
N THR C 138 -13.23 -27.56 -7.01
CA THR C 138 -12.36 -28.74 -7.03
C THR C 138 -10.92 -28.37 -7.31
N CYS C 139 -10.69 -27.54 -8.33
CA CYS C 139 -9.32 -27.25 -8.73
C CYS C 139 -8.64 -26.33 -7.72
N VAL C 140 -9.37 -25.41 -7.11
CA VAL C 140 -8.80 -24.61 -6.03
C VAL C 140 -8.39 -25.50 -4.86
N ASP C 141 -9.29 -26.41 -4.44
CA ASP C 141 -8.97 -27.33 -3.36
C ASP C 141 -7.73 -28.15 -3.70
N ARG C 142 -7.67 -28.68 -4.88
CA ARG C 142 -6.55 -29.48 -5.30
C ARG C 142 -5.24 -28.71 -5.40
N ALA C 143 -5.33 -27.46 -5.83
CA ALA C 143 -4.13 -26.65 -5.93
C ALA C 143 -3.58 -26.30 -4.55
N ILE C 144 -4.46 -26.12 -3.56
CA ILE C 144 -3.96 -25.92 -2.20
C ILE C 144 -3.32 -27.20 -1.68
N ASP C 145 -3.88 -28.37 -2.03
CA ASP C 145 -3.17 -29.62 -1.75
C ASP C 145 -1.78 -29.62 -2.37
N TRP C 146 -1.68 -29.14 -3.61
CA TRP C 146 -0.40 -29.16 -4.31
C TRP C 146 0.62 -28.22 -3.68
N VAL C 147 0.19 -27.00 -3.31
CA VAL C 147 1.17 -26.09 -2.69
C VAL C 147 1.57 -26.59 -1.31
N TRP C 148 0.67 -27.25 -0.59
CA TRP C 148 1.08 -27.86 0.66
C TRP C 148 2.12 -28.94 0.47
N ASP C 149 1.87 -29.83 -0.46
CA ASP C 149 2.73 -30.97 -0.62
C ASP C 149 4.11 -30.56 -1.04
N HIS C 150 4.19 -29.55 -1.88
CA HIS C 150 5.44 -29.21 -2.52
C HIS C 150 6.09 -27.92 -2.06
N TYR C 151 5.50 -27.27 -1.07
CA TYR C 151 6.08 -26.08 -0.52
C TYR C 151 5.93 -26.02 1.03
N TRP C 152 4.69 -25.89 1.48
CA TRP C 152 4.35 -25.69 2.89
C TRP C 152 4.70 -26.82 3.86
N ASP C 153 4.63 -28.06 3.40
CA ASP C 153 4.94 -29.16 4.28
C ASP C 153 6.39 -29.01 4.75
N GLY C 154 7.26 -28.47 3.93
CA GLY C 154 8.63 -28.24 4.30
C GLY C 154 8.91 -26.94 5.00
N VAL C 155 7.91 -26.14 5.22
CA VAL C 155 8.14 -24.94 5.96
C VAL C 155 8.16 -25.33 7.41
N LEU C 156 9.18 -24.90 8.10
CA LEU C 156 9.33 -24.94 9.55
C LEU C 156 10.79 -24.92 9.88
#